data_5JXQ
#
_entry.id   5JXQ
#
_cell.length_a   90.220
_cell.length_b   64.760
_cell.length_c   70.340
_cell.angle_alpha   90.00
_cell.angle_beta   96.16
_cell.angle_gamma   90.00
#
_symmetry.space_group_name_H-M   'C 1 2 1'
#
loop_
_entity.id
_entity.type
_entity.pdbx_description
1 polymer 'Queuine tRNA-ribosyltransferase'
2 non-polymer 'ZINC ION'
3 non-polymer GLYCEROL
4 non-polymer 6-amino-2-({2-[4-(2-hydroxyethyl)phenyl]ethyl}amino)-1,7-dihydro-8H-imidazo[4,5-g]quinazolin-8-one
5 non-polymer 'CHLORIDE ION'
6 water water
#
_entity_poly.entity_id   1
_entity_poly.type   'polypeptide(L)'
_entity_poly.pdbx_seq_one_letter_code
;MVEATAQETDRPRFSFSIAAREGKARTGTIEMKRGVIRTPAFMPVGTAATVKALKPETVRATGADIILGNTYHLMLRPGA
ERIAKLGGLHSFMGWDRPILTDSGGYQVMSLSSLTKQSEEGVTFKSHLDGSRHMLSPERSIEIQHLLGSDIVMAFDECTP
YPATPSRAASSMERSMRWAKRSRDAFDSRKEQAENAALFGIQQGSVFENLRQQSADALAEIGFDGYAVGGLAVGEGQDEM
FRVLDFSVPMLPDDKPHYLMGVGKPDDIVGAVERGIDMFDCVLPTRSGRNGQAFTWDGPINIRNARFSEDLKPLDSECHC
AVCQKWSRAYIHHLIRAGEILGAMLMTEHNIAFYQQLMQKIRDSISEGRFSQFAQDFRARYFARNS
;
_entity_poly.pdbx_strand_id   A
#
loop_
_chem_comp.id
_chem_comp.type
_chem_comp.name
_chem_comp.formula
6OK non-polymer 6-amino-2-({2-[4-(2-hydroxyethyl)phenyl]ethyl}amino)-1,7-dihydro-8H-imidazo[4,5-g]quinazolin-8-one 'C19 H20 N6 O2'
CL non-polymer 'CHLORIDE ION' 'Cl -1'
GOL non-polymer GLYCEROL 'C3 H8 O3'
ZN non-polymer 'ZINC ION' 'Zn 2'
#
# COMPACT_ATOMS: atom_id res chain seq x y z
N ASP A 10 -1.33 -9.19 -25.81
CA ASP A 10 -1.66 -8.26 -24.74
C ASP A 10 -1.75 -8.96 -23.39
N ARG A 11 -1.41 -8.24 -22.33
CA ARG A 11 -1.50 -8.78 -20.98
C ARG A 11 -2.95 -9.07 -20.59
N PRO A 12 -3.15 -10.05 -19.70
CA PRO A 12 -4.48 -10.39 -19.20
C PRO A 12 -4.99 -9.29 -18.26
N ARG A 13 -6.29 -9.35 -17.95
CA ARG A 13 -6.86 -8.51 -16.92
C ARG A 13 -6.08 -8.69 -15.61
N PHE A 14 -5.81 -9.94 -15.26
CA PHE A 14 -5.13 -10.22 -14.01
C PHE A 14 -4.55 -11.62 -14.02
N SER A 15 -3.26 -11.74 -13.75
CA SER A 15 -2.63 -13.04 -13.57
CA SER A 15 -2.64 -13.03 -13.56
C SER A 15 -1.48 -12.94 -12.58
N PHE A 16 -1.59 -13.68 -11.48
CA PHE A 16 -0.54 -13.70 -10.47
C PHE A 16 0.22 -15.00 -10.61
N SER A 17 1.52 -14.91 -10.80
CA SER A 17 2.38 -16.08 -10.93
CA SER A 17 2.37 -16.08 -10.92
CA SER A 17 2.36 -16.09 -10.91
C SER A 17 3.48 -16.01 -9.90
N ILE A 18 3.70 -17.11 -9.20
CA ILE A 18 4.74 -17.22 -8.19
C ILE A 18 5.93 -17.92 -8.82
N ALA A 19 7.06 -17.21 -8.87
CA ALA A 19 8.27 -17.72 -9.52
C ALA A 19 9.19 -18.45 -8.55
N ALA A 20 9.16 -18.07 -7.28
CA ALA A 20 10.05 -18.67 -6.31
C ALA A 20 9.50 -18.49 -4.91
N ARG A 21 9.86 -19.40 -4.02
CA ARG A 21 9.39 -19.36 -2.65
CA ARG A 21 9.38 -19.40 -2.64
C ARG A 21 10.53 -19.70 -1.70
N GLU A 22 10.42 -19.19 -0.48
CA GLU A 22 11.33 -19.56 0.58
C GLU A 22 10.55 -19.44 1.88
N GLY A 23 10.28 -20.58 2.51
CA GLY A 23 9.37 -20.59 3.64
C GLY A 23 8.02 -20.07 3.20
N LYS A 24 7.49 -19.10 3.93
CA LYS A 24 6.22 -18.48 3.58
C LYS A 24 6.38 -17.37 2.55
N ALA A 25 7.61 -16.93 2.30
CA ALA A 25 7.84 -15.83 1.38
C ALA A 25 7.71 -16.28 -0.07
N ARG A 26 7.22 -15.38 -0.91
CA ARG A 26 7.05 -15.66 -2.33
C ARG A 26 7.55 -14.48 -3.12
N THR A 27 8.01 -14.76 -4.33
CA THR A 27 8.28 -13.69 -5.26
C THR A 27 7.69 -14.08 -6.61
N GLY A 28 7.17 -13.09 -7.31
CA GLY A 28 6.54 -13.36 -8.58
C GLY A 28 6.08 -12.09 -9.25
N THR A 29 5.04 -12.21 -10.07
CA THR A 29 4.55 -11.08 -10.83
C THR A 29 3.04 -11.11 -10.91
N ILE A 30 2.45 -9.93 -10.89
CA ILE A 30 1.06 -9.74 -11.26
C ILE A 30 1.05 -9.07 -12.62
N GLU A 31 0.46 -9.72 -13.61
N GLU A 31 0.45 -9.72 -13.61
CA GLU A 31 0.28 -9.09 -14.92
CA GLU A 31 0.27 -9.10 -14.93
C GLU A 31 -1.11 -8.48 -15.00
C GLU A 31 -1.11 -8.49 -15.01
N MET A 32 -1.17 -7.22 -15.42
CA MET A 32 -2.44 -6.55 -15.64
C MET A 32 -2.35 -5.80 -16.96
N LYS A 33 -3.48 -5.30 -17.44
CA LYS A 33 -3.47 -4.63 -18.74
C LYS A 33 -2.50 -3.47 -18.81
N ARG A 34 -2.38 -2.69 -17.73
CA ARG A 34 -1.52 -1.51 -17.74
CA ARG A 34 -1.52 -1.51 -17.74
C ARG A 34 -0.08 -1.78 -17.34
N GLY A 35 0.24 -3.02 -17.00
CA GLY A 35 1.62 -3.31 -16.67
C GLY A 35 1.84 -4.50 -15.76
N VAL A 36 3.10 -4.83 -15.57
CA VAL A 36 3.52 -5.91 -14.68
C VAL A 36 3.93 -5.35 -13.33
N ILE A 37 3.51 -6.04 -12.28
CA ILE A 37 3.86 -5.68 -10.91
C ILE A 37 4.73 -6.79 -10.34
N ARG A 38 5.96 -6.44 -9.97
CA ARG A 38 6.88 -7.39 -9.36
C ARG A 38 6.57 -7.51 -7.88
N THR A 39 6.47 -8.73 -7.36
CA THR A 39 6.13 -8.94 -5.96
C THR A 39 7.26 -9.69 -5.26
N PRO A 40 7.50 -9.40 -3.96
CA PRO A 40 6.77 -8.42 -3.16
C PRO A 40 6.94 -6.99 -3.67
N ALA A 41 5.85 -6.24 -3.61
CA ALA A 41 5.74 -4.90 -4.19
C ALA A 41 5.51 -3.85 -3.12
N PHE A 42 6.14 -2.70 -3.27
CA PHE A 42 5.78 -1.54 -2.49
C PHE A 42 5.11 -0.50 -3.37
N MET A 43 3.95 -0.03 -2.93
CA MET A 43 3.16 0.97 -3.64
C MET A 43 3.31 2.33 -2.98
N PRO A 44 4.00 3.28 -3.64
CA PRO A 44 3.98 4.65 -3.16
C PRO A 44 2.54 5.15 -3.09
N VAL A 45 2.26 5.97 -2.08
CA VAL A 45 0.91 6.49 -1.88
C VAL A 45 0.73 7.82 -2.60
N GLY A 46 -0.33 7.92 -3.41
CA GLY A 46 -0.63 9.11 -4.18
C GLY A 46 -2.05 9.56 -3.91
N THR A 47 -2.34 9.76 -2.64
CA THR A 47 -3.65 10.06 -2.10
C THR A 47 -4.52 11.04 -2.91
N ALA A 48 -3.97 12.21 -3.21
CA ALA A 48 -4.71 13.25 -3.92
C ALA A 48 -4.31 13.36 -5.39
N ALA A 49 -4.16 12.21 -6.04
CA ALA A 49 -3.77 12.14 -7.45
C ALA A 49 -2.38 12.70 -7.67
N THR A 50 -1.52 12.55 -6.66
CA THR A 50 -0.10 12.84 -6.81
C THR A 50 0.64 12.11 -5.69
N VAL A 51 1.77 11.49 -6.04
CA VAL A 51 2.72 11.04 -5.03
C VAL A 51 3.45 12.30 -4.61
N LYS A 52 3.27 12.73 -3.36
CA LYS A 52 3.63 14.09 -2.97
C LYS A 52 5.08 14.42 -3.29
N ALA A 53 5.26 15.53 -4.01
CA ALA A 53 6.57 16.07 -4.38
C ALA A 53 7.31 15.33 -5.49
N LEU A 54 6.64 14.40 -6.19
CA LEU A 54 7.28 13.66 -7.28
C LEU A 54 6.46 13.70 -8.55
N LYS A 55 7.11 13.98 -9.67
CA LYS A 55 6.49 13.67 -10.96
C LYS A 55 6.31 12.17 -11.10
N PRO A 56 5.27 11.73 -11.82
CA PRO A 56 5.10 10.29 -12.06
C PRO A 56 6.33 9.65 -12.69
N GLU A 57 7.04 10.36 -13.56
CA GLU A 57 8.22 9.78 -14.18
C GLU A 57 9.28 9.48 -13.13
N THR A 58 9.35 10.32 -12.09
CA THR A 58 10.31 10.10 -11.02
C THR A 58 9.88 8.91 -10.17
N VAL A 59 8.59 8.82 -9.89
CA VAL A 59 8.07 7.65 -9.19
C VAL A 59 8.46 6.39 -9.94
N ARG A 60 8.26 6.38 -11.26
CA ARG A 60 8.63 5.22 -12.06
C ARG A 60 10.14 4.96 -12.02
N ALA A 61 10.93 6.03 -12.14
CA ALA A 61 12.39 5.90 -12.14
C ALA A 61 12.92 5.23 -10.87
N THR A 62 12.20 5.41 -9.75
CA THR A 62 12.63 4.78 -8.49
C THR A 62 12.39 3.27 -8.52
N GLY A 63 11.57 2.81 -9.45
CA GLY A 63 11.30 1.38 -9.55
C GLY A 63 9.87 0.96 -9.25
N ALA A 64 9.01 1.91 -8.90
CA ALA A 64 7.63 1.58 -8.60
C ALA A 64 6.88 1.05 -9.83
N ASP A 65 6.14 -0.04 -9.64
CA ASP A 65 5.33 -0.63 -10.70
C ASP A 65 3.86 -0.25 -10.61
N ILE A 66 3.45 0.26 -9.45
CA ILE A 66 2.05 0.52 -9.14
C ILE A 66 2.05 1.53 -8.01
N ILE A 67 1.05 2.41 -8.01
CA ILE A 67 0.87 3.36 -6.92
C ILE A 67 -0.52 3.21 -6.36
N LEU A 68 -0.73 3.79 -5.18
CA LEU A 68 -2.03 3.75 -4.51
C LEU A 68 -2.71 5.11 -4.57
N GLY A 69 -4.00 5.08 -4.84
CA GLY A 69 -4.86 6.25 -4.71
C GLY A 69 -5.96 5.98 -3.69
N ASN A 70 -6.67 7.03 -3.31
CA ASN A 70 -7.69 6.93 -2.25
C ASN A 70 -9.06 7.39 -2.71
N THR A 71 -10.04 6.48 -2.61
CA THR A 71 -11.43 6.79 -2.89
C THR A 71 -11.92 7.99 -2.08
N TYR A 72 -11.60 7.98 -0.78
CA TYR A 72 -12.09 9.02 0.11
C TYR A 72 -11.59 10.41 -0.29
N HIS A 73 -10.28 10.56 -0.44
CA HIS A 73 -9.77 11.88 -0.77
C HIS A 73 -10.23 12.36 -2.13
N LEU A 74 -10.20 11.48 -3.12
CA LEU A 74 -10.50 11.87 -4.48
C LEU A 74 -11.97 12.16 -4.69
N MET A 75 -12.84 11.48 -3.96
CA MET A 75 -14.26 11.77 -4.08
C MET A 75 -14.57 13.17 -3.55
N LEU A 76 -13.76 13.65 -2.61
CA LEU A 76 -13.94 14.98 -2.05
C LEU A 76 -13.31 16.05 -2.93
N ARG A 77 -12.12 15.76 -3.43
CA ARG A 77 -11.37 16.72 -4.23
C ARG A 77 -10.40 15.94 -5.10
N PRO A 78 -10.53 16.07 -6.44
CA PRO A 78 -11.41 16.99 -7.17
C PRO A 78 -12.81 16.46 -7.46
N GLY A 79 -13.11 15.24 -7.02
CA GLY A 79 -14.39 14.61 -7.31
C GLY A 79 -14.24 13.46 -8.29
N ALA A 80 -14.95 12.37 -8.05
CA ALA A 80 -14.81 11.17 -8.87
C ALA A 80 -15.40 11.37 -10.27
N GLU A 81 -16.60 11.94 -10.32
CA GLU A 81 -17.25 12.22 -11.58
C GLU A 81 -16.41 13.17 -12.43
N ARG A 82 -15.83 14.18 -11.78
CA ARG A 82 -14.95 15.12 -12.49
C ARG A 82 -13.76 14.40 -13.10
N ILE A 83 -13.09 13.55 -12.33
CA ILE A 83 -11.96 12.81 -12.86
C ILE A 83 -12.37 11.93 -14.04
N ALA A 84 -13.53 11.28 -13.93
CA ALA A 84 -14.03 10.47 -15.06
C ALA A 84 -14.25 11.34 -16.30
N LYS A 85 -14.86 12.50 -16.12
N LYS A 85 -14.85 12.50 -16.12
CA LYS A 85 -15.10 13.41 -17.24
CA LYS A 85 -15.11 13.41 -17.23
C LYS A 85 -13.79 13.80 -17.91
C LYS A 85 -13.81 13.87 -17.90
N LEU A 86 -12.74 13.92 -17.12
CA LEU A 86 -11.45 14.35 -17.62
C LEU A 86 -10.62 13.20 -18.19
N GLY A 87 -11.17 11.99 -18.18
CA GLY A 87 -10.48 10.87 -18.80
C GLY A 87 -9.96 9.82 -17.85
N GLY A 88 -10.22 9.99 -16.56
CA GLY A 88 -9.82 9.01 -15.57
C GLY A 88 -8.53 9.40 -14.86
N LEU A 89 -8.26 8.74 -13.75
CA LEU A 89 -7.14 9.09 -12.90
C LEU A 89 -5.78 8.96 -13.59
N HIS A 90 -5.63 7.95 -14.43
CA HIS A 90 -4.34 7.72 -15.08
C HIS A 90 -3.94 8.90 -15.95
N SER A 91 -4.84 9.32 -16.82
CA SER A 91 -4.64 10.46 -17.71
CA SER A 91 -4.54 10.44 -17.70
C SER A 91 -4.49 11.75 -16.92
N PHE A 92 -5.34 11.91 -15.92
CA PHE A 92 -5.39 13.10 -15.10
C PHE A 92 -4.02 13.39 -14.47
N MET A 93 -3.45 12.40 -13.80
CA MET A 93 -2.19 12.61 -13.10
C MET A 93 -0.95 12.23 -13.90
N GLY A 94 -1.13 11.58 -15.04
CA GLY A 94 0.00 11.21 -15.87
C GLY A 94 0.77 9.97 -15.41
N TRP A 95 0.06 9.02 -14.81
CA TRP A 95 0.65 7.72 -14.46
C TRP A 95 -0.11 6.67 -15.25
N ASP A 96 0.58 5.99 -16.15
CA ASP A 96 -0.11 5.09 -17.08
C ASP A 96 -0.06 3.61 -16.69
N ARG A 97 0.54 3.35 -15.54
CA ARG A 97 0.71 1.99 -15.02
C ARG A 97 -0.41 1.66 -14.02
N PRO A 98 -0.40 0.44 -13.46
CA PRO A 98 -1.50 0.12 -12.54
C PRO A 98 -1.60 1.07 -11.35
N ILE A 99 -2.84 1.29 -10.94
CA ILE A 99 -3.17 2.02 -9.72
C ILE A 99 -4.10 1.15 -8.90
N LEU A 100 -3.78 1.00 -7.62
CA LEU A 100 -4.69 0.38 -6.67
C LEU A 100 -5.38 1.51 -5.91
N THR A 101 -6.69 1.42 -5.72
CA THR A 101 -7.37 2.41 -4.89
C THR A 101 -7.93 1.77 -3.64
N ASP A 102 -7.62 2.36 -2.49
CA ASP A 102 -8.31 1.96 -1.28
C ASP A 102 -9.77 2.40 -1.41
N SER A 103 -10.65 1.76 -0.63
CA SER A 103 -12.08 1.84 -0.85
C SER A 103 -12.78 2.95 -0.07
N GLY A 104 -12.06 3.56 0.86
CA GLY A 104 -12.63 4.63 1.66
C GLY A 104 -12.97 4.16 3.05
N GLY A 105 -13.09 2.84 3.24
CA GLY A 105 -13.56 2.28 4.50
C GLY A 105 -12.75 2.69 5.71
N TYR A 106 -11.47 2.95 5.48
CA TYR A 106 -10.55 3.30 6.56
C TYR A 106 -10.42 4.80 6.71
N GLN A 107 -10.25 5.51 5.59
CA GLN A 107 -9.98 6.94 5.62
C GLN A 107 -11.18 7.73 6.10
N VAL A 108 -12.38 7.30 5.76
CA VAL A 108 -13.58 8.00 6.24
C VAL A 108 -13.62 8.05 7.76
N MET A 109 -13.28 6.94 8.41
CA MET A 109 -13.33 6.88 9.86
C MET A 109 -12.10 7.53 10.47
N SER A 110 -11.04 7.65 9.68
CA SER A 110 -9.81 8.26 10.16
C SER A 110 -9.86 9.79 10.11
N LEU A 111 -10.48 10.34 9.09
CA LEU A 111 -10.33 11.77 8.77
C LEU A 111 -11.57 12.64 8.89
N SER A 112 -12.75 12.04 8.77
CA SER A 112 -13.99 12.82 8.77
C SER A 112 -14.27 13.42 10.15
N LEU A 114 -17.33 14.16 11.25
CA LEU A 114 -18.54 13.52 11.78
C LEU A 114 -18.96 12.38 10.87
N THR A 115 -19.34 11.25 11.46
CA THR A 115 -19.72 10.08 10.69
C THR A 115 -20.99 9.44 11.23
N LYS A 116 -21.79 8.89 10.32
CA LYS A 116 -22.94 8.07 10.69
C LYS A 116 -22.81 6.72 10.00
N GLN A 117 -22.59 5.68 10.81
CA GLN A 117 -22.37 4.34 10.28
C GLN A 117 -23.66 3.53 10.38
N SER A 118 -23.91 2.71 9.36
CA SER A 118 -25.05 1.81 9.37
C SER A 118 -24.74 0.64 8.46
N GLU A 119 -25.67 -0.30 8.37
CA GLU A 119 -25.50 -1.45 7.49
C GLU A 119 -25.40 -1.03 6.02
N GLU A 120 -26.00 0.11 5.68
CA GLU A 120 -25.96 0.60 4.31
C GLU A 120 -24.58 1.11 3.91
N GLY A 121 -23.90 1.75 4.85
CA GLY A 121 -22.60 2.36 4.60
C GLY A 121 -22.30 3.43 5.61
N VAL A 122 -21.57 4.46 5.18
CA VAL A 122 -21.19 5.54 6.08
C VAL A 122 -21.52 6.89 5.46
N THR A 123 -22.20 7.74 6.22
CA THR A 123 -22.42 9.12 5.83
C THR A 123 -21.45 9.98 6.64
N PHE A 124 -20.92 11.03 6.03
CA PHE A 124 -19.87 11.80 6.70
C PHE A 124 -19.76 13.24 6.22
N LYS A 125 -19.19 14.07 7.08
CA LYS A 125 -18.89 15.45 6.73
C LYS A 125 -17.44 15.56 6.26
N SER A 126 -17.24 16.26 5.16
CA SER A 126 -15.90 16.44 4.59
C SER A 126 -14.99 17.22 5.53
N HIS A 127 -13.74 16.77 5.63
CA HIS A 127 -12.74 17.45 6.45
C HIS A 127 -12.19 18.66 5.70
N SER A 131 -19.63 19.92 3.92
CA SER A 131 -20.43 19.19 2.94
C SER A 131 -20.59 17.72 3.33
N ARG A 132 -21.79 17.20 3.16
CA ARG A 132 -22.09 15.82 3.52
C ARG A 132 -21.85 14.88 2.34
N HIS A 133 -21.29 13.72 2.64
CA HIS A 133 -21.03 12.74 1.60
C HIS A 133 -21.39 11.33 2.07
N MET A 134 -21.47 10.41 1.11
CA MET A 134 -21.88 9.05 1.39
C MET A 134 -20.94 8.03 0.77
N LEU A 135 -20.63 6.99 1.53
CA LEU A 135 -19.96 5.83 0.97
C LEU A 135 -20.72 4.57 1.35
N SER A 136 -20.65 3.58 0.47
CA SER A 136 -21.32 2.30 0.65
C SER A 136 -20.53 1.36 -0.25
N PRO A 137 -20.75 0.04 -0.11
CA PRO A 137 -20.05 -0.84 -1.06
C PRO A 137 -20.31 -0.45 -2.51
N GLU A 138 -21.55 -0.14 -2.84
CA GLU A 138 -21.92 0.18 -4.22
C GLU A 138 -21.28 1.48 -4.68
N ARG A 139 -21.35 2.52 -3.83
CA ARG A 139 -20.81 3.81 -4.20
C ARG A 139 -19.28 3.79 -4.26
N SER A 140 -18.66 3.05 -3.35
CA SER A 140 -17.21 2.91 -3.34
C SER A 140 -16.72 2.25 -4.62
N ILE A 141 -17.34 1.13 -4.99
CA ILE A 141 -16.97 0.46 -6.22
C ILE A 141 -17.20 1.37 -7.43
N GLU A 142 -18.31 2.11 -7.43
CA GLU A 142 -18.59 3.04 -8.51
C GLU A 142 -17.54 4.14 -8.62
N ILE A 143 -17.16 4.72 -7.48
CA ILE A 143 -16.10 5.72 -7.48
C ILE A 143 -14.80 5.16 -8.04
N GLN A 144 -14.44 3.95 -7.62
CA GLN A 144 -13.22 3.35 -8.11
C GLN A 144 -13.30 3.09 -9.62
N HIS A 145 -14.49 2.76 -10.09
CA HIS A 145 -14.71 2.68 -11.53
C HIS A 145 -14.52 4.02 -12.23
N LEU A 146 -15.12 5.06 -11.69
CA LEU A 146 -15.00 6.39 -12.27
C LEU A 146 -13.54 6.84 -12.31
N LEU A 147 -12.77 6.47 -11.29
CA LEU A 147 -11.35 6.80 -11.28
C LEU A 147 -10.58 5.98 -12.30
N GLY A 148 -11.12 4.81 -12.65
CA GLY A 148 -10.42 3.91 -13.57
C GLY A 148 -9.33 3.11 -12.88
N SER A 149 -9.54 2.82 -11.60
CA SER A 149 -8.64 1.99 -10.81
CA SER A 149 -8.64 1.99 -10.81
C SER A 149 -8.40 0.63 -11.45
N ASP A 150 -7.16 0.15 -11.38
CA ASP A 150 -6.85 -1.19 -11.85
C ASP A 150 -7.09 -2.26 -10.80
N ILE A 151 -6.70 -1.96 -9.56
CA ILE A 151 -7.04 -2.86 -8.46
C ILE A 151 -7.98 -2.13 -7.53
N VAL A 152 -9.20 -2.65 -7.47
CA VAL A 152 -10.28 -2.09 -6.70
C VAL A 152 -10.35 -2.83 -5.37
N MET A 153 -10.40 -2.08 -4.28
CA MET A 153 -10.55 -2.69 -2.96
C MET A 153 -12.02 -2.76 -2.56
N ALA A 154 -12.40 -3.89 -1.98
CA ALA A 154 -13.72 -3.98 -1.37
C ALA A 154 -13.92 -2.89 -0.33
N PHE A 155 -15.15 -2.44 -0.17
CA PHE A 155 -15.50 -1.49 0.87
C PHE A 155 -15.69 -2.22 2.18
N ASP A 156 -14.88 -1.87 3.17
CA ASP A 156 -14.82 -2.59 4.44
C ASP A 156 -14.89 -1.62 5.60
N GLU A 157 -14.79 -2.19 6.80
CA GLU A 157 -14.66 -1.43 8.01
C GLU A 157 -13.38 -1.86 8.70
N CYS A 158 -12.47 -0.91 8.90
CA CYS A 158 -11.23 -1.21 9.63
C CYS A 158 -11.53 -1.10 11.11
N THR A 159 -11.66 -2.24 11.77
CA THR A 159 -12.03 -2.26 13.16
C THR A 159 -11.01 -1.52 14.01
N PRO A 160 -11.47 -0.60 14.88
CA PRO A 160 -10.56 0.09 15.78
C PRO A 160 -9.79 -0.88 16.68
N TYR A 161 -8.59 -0.47 17.10
CA TYR A 161 -7.78 -1.27 18.00
C TYR A 161 -7.53 -0.48 19.28
N PRO A 162 -7.70 -1.12 20.45
CA PRO A 162 -8.13 -2.50 20.61
C PRO A 162 -9.64 -2.65 20.44
N ALA A 163 -10.06 -3.88 20.18
CA ALA A 163 -11.47 -4.19 20.05
C ALA A 163 -11.78 -5.42 20.90
N THR A 164 -12.93 -5.41 21.56
CA THR A 164 -13.38 -6.61 22.23
C THR A 164 -13.71 -7.66 21.19
N PRO A 165 -13.65 -8.95 21.58
CA PRO A 165 -14.03 -10.01 20.65
C PRO A 165 -15.44 -9.81 20.07
N SER A 166 -16.40 -9.40 20.89
CA SER A 166 -17.75 -9.20 20.39
CA SER A 166 -17.76 -9.21 20.39
C SER A 166 -17.82 -8.10 19.34
N ARG A 167 -17.17 -6.98 19.61
CA ARG A 167 -17.19 -5.87 18.67
C ARG A 167 -16.41 -6.19 17.41
N ALA A 168 -15.29 -6.88 17.58
CA ALA A 168 -14.50 -7.30 16.43
C ALA A 168 -15.31 -8.23 15.54
N ALA A 169 -16.09 -9.13 16.16
CA ALA A 169 -16.89 -10.07 15.39
C ALA A 169 -18.00 -9.35 14.62
N SER A 170 -18.72 -8.48 15.30
CA SER A 170 -19.81 -7.74 14.65
C SER A 170 -19.28 -6.89 13.51
N SER A 171 -18.13 -6.27 13.72
CA SER A 171 -17.51 -5.45 12.70
C SER A 171 -17.09 -6.30 11.49
N MET A 172 -16.38 -7.38 11.77
CA MET A 172 -15.94 -8.28 10.72
C MET A 172 -17.12 -8.82 9.91
N GLU A 173 -18.19 -9.19 10.60
CA GLU A 173 -19.36 -9.75 9.92
C GLU A 173 -19.96 -8.73 8.96
N ARG A 174 -20.05 -7.48 9.39
CA ARG A 174 -20.52 -6.42 8.52
C ARG A 174 -19.58 -6.29 7.32
N SER A 175 -18.27 -6.29 7.57
CA SER A 175 -17.33 -6.20 6.46
C SER A 175 -17.51 -7.33 5.47
N MET A 176 -17.84 -8.53 5.95
CA MET A 176 -18.01 -9.64 5.02
C MET A 176 -19.27 -9.49 4.19
N ARG A 177 -20.34 -8.97 4.79
CA ARG A 177 -21.54 -8.66 4.02
C ARG A 177 -21.22 -7.59 2.98
N TRP A 178 -20.42 -6.60 3.39
CA TRP A 178 -20.00 -5.55 2.48
C TRP A 178 -19.08 -6.07 1.37
N ALA A 179 -18.31 -7.11 1.68
CA ALA A 179 -17.42 -7.73 0.69
C ALA A 179 -18.24 -8.36 -0.41
N LYS A 180 -19.33 -9.04 -0.04
CA LYS A 180 -20.21 -9.63 -1.03
C LYS A 180 -20.88 -8.55 -1.87
N ARG A 181 -21.36 -7.49 -1.22
CA ARG A 181 -21.94 -6.38 -1.98
C ARG A 181 -20.93 -5.74 -2.92
N SER A 182 -19.67 -5.67 -2.48
CA SER A 182 -18.61 -5.12 -3.32
C SER A 182 -18.37 -5.97 -4.56
N ARG A 183 -18.27 -7.27 -4.34
CA ARG A 183 -18.14 -8.25 -5.40
C ARG A 183 -19.25 -8.09 -6.43
N ASP A 184 -20.50 -8.02 -5.95
CA ASP A 184 -21.63 -7.95 -6.87
C ASP A 184 -21.67 -6.62 -7.64
N ALA A 185 -21.33 -5.52 -6.96
CA ALA A 185 -21.30 -4.23 -7.62
C ALA A 185 -20.25 -4.20 -8.72
N PHE A 186 -19.07 -4.74 -8.42
CA PHE A 186 -17.96 -4.82 -9.36
C PHE A 186 -18.36 -5.66 -10.57
N ASP A 187 -18.95 -6.83 -10.31
CA ASP A 187 -19.30 -7.74 -11.39
C ASP A 187 -20.41 -7.20 -12.28
N SER A 188 -21.25 -6.33 -11.72
CA SER A 188 -22.41 -5.79 -12.43
CA SER A 188 -22.40 -5.83 -12.46
C SER A 188 -21.99 -4.76 -13.47
N ARG A 189 -20.76 -4.30 -13.36
CA ARG A 189 -20.25 -3.28 -14.24
C ARG A 189 -19.26 -3.92 -15.20
N LYS A 190 -19.74 -4.25 -16.40
CA LYS A 190 -18.99 -5.06 -17.34
C LYS A 190 -17.59 -4.55 -17.64
N GLU A 191 -17.46 -3.25 -17.93
CA GLU A 191 -16.17 -2.67 -18.25
C GLU A 191 -15.20 -2.82 -17.09
N GLN A 192 -15.70 -2.63 -15.87
CA GLN A 192 -14.85 -2.75 -14.69
C GLN A 192 -14.45 -4.21 -14.48
N ALA A 193 -15.42 -5.11 -14.54
CA ALA A 193 -15.17 -6.54 -14.34
C ALA A 193 -14.17 -7.09 -15.35
N GLU A 194 -14.18 -6.55 -16.56
CA GLU A 194 -13.32 -7.05 -17.63
C GLU A 194 -11.92 -6.46 -17.62
N ASN A 195 -11.75 -5.31 -16.98
CA ASN A 195 -10.48 -4.60 -17.07
C ASN A 195 -9.74 -4.37 -15.77
N ALA A 196 -10.44 -4.50 -14.64
CA ALA A 196 -9.85 -4.29 -13.34
C ALA A 196 -9.88 -5.58 -12.53
N ALA A 197 -9.22 -5.55 -11.38
CA ALA A 197 -9.26 -6.65 -10.44
C ALA A 197 -9.89 -6.16 -9.15
N LEU A 198 -10.40 -7.11 -8.36
CA LEU A 198 -11.07 -6.80 -7.10
C LEU A 198 -10.42 -7.59 -5.98
N PHE A 199 -9.98 -6.90 -4.92
CA PHE A 199 -9.39 -7.57 -3.77
C PHE A 199 -10.35 -7.47 -2.59
N GLY A 200 -10.47 -8.57 -1.84
CA GLY A 200 -11.23 -8.57 -0.61
C GLY A 200 -10.30 -8.22 0.56
N ILE A 201 -10.88 -7.79 1.67
CA ILE A 201 -10.10 -7.38 2.83
C ILE A 201 -10.51 -8.18 4.06
N GLN A 202 -9.56 -8.94 4.59
CA GLN A 202 -9.77 -9.70 5.81
C GLN A 202 -9.78 -8.79 7.03
N GLN A 203 -10.76 -9.02 7.91
CA GLN A 203 -10.83 -8.33 9.19
C GLN A 203 -10.83 -9.36 10.32
N GLY A 204 -11.23 -8.96 11.52
CA GLY A 204 -11.18 -9.86 12.66
C GLY A 204 -10.23 -9.43 13.76
N SER A 205 -9.72 -8.21 13.67
CA SER A 205 -8.86 -7.65 14.72
C SER A 205 -7.69 -8.60 14.97
N VAL A 206 -7.41 -8.93 16.23
CA VAL A 206 -6.25 -9.78 16.54
C VAL A 206 -6.65 -11.21 16.87
N PHE A 207 -7.89 -11.56 16.55
CA PHE A 207 -8.46 -12.83 16.99
C PHE A 207 -8.43 -13.89 15.91
N GLU A 208 -7.77 -15.00 16.20
CA GLU A 208 -7.55 -16.05 15.22
C GLU A 208 -8.85 -16.62 14.65
N ASN A 209 -9.82 -16.91 15.51
CA ASN A 209 -11.08 -17.45 15.03
C ASN A 209 -11.82 -16.50 14.09
N LEU A 210 -11.79 -15.21 14.39
CA LEU A 210 -12.45 -14.22 13.54
C LEU A 210 -11.71 -14.04 12.22
N ARG A 211 -10.39 -14.03 12.28
CA ARG A 211 -9.57 -13.99 11.08
C ARG A 211 -9.89 -15.17 10.17
N GLN A 212 -10.09 -16.35 10.78
CA GLN A 212 -10.42 -17.54 10.01
C GLN A 212 -11.79 -17.42 9.36
N GLN A 213 -12.78 -17.00 10.14
CA GLN A 213 -14.11 -16.79 9.60
C GLN A 213 -14.09 -15.79 8.45
N SER A 214 -13.32 -14.72 8.61
CA SER A 214 -13.22 -13.70 7.58
C SER A 214 -12.56 -14.26 6.31
N ALA A 215 -11.44 -14.97 6.48
CA ALA A 215 -10.78 -15.59 5.35
C ALA A 215 -11.72 -16.56 4.61
N ASP A 216 -12.46 -17.35 5.37
CA ASP A 216 -13.40 -18.31 4.78
C ASP A 216 -14.48 -17.60 3.97
N ALA A 217 -15.02 -16.51 4.53
CA ALA A 217 -16.07 -15.76 3.84
C ALA A 217 -15.55 -15.16 2.55
N LEU A 218 -14.35 -14.57 2.61
CA LEU A 218 -13.76 -13.96 1.42
C LEU A 218 -13.45 -14.98 0.35
N ALA A 219 -12.92 -16.14 0.76
CA ALA A 219 -12.60 -17.18 -0.22
C ALA A 219 -13.86 -17.74 -0.86
N GLU A 220 -14.94 -17.81 -0.10
CA GLU A 220 -16.22 -18.30 -0.63
C GLU A 220 -16.75 -17.35 -1.69
N ILE A 221 -16.66 -16.05 -1.43
CA ILE A 221 -17.05 -15.04 -2.41
C ILE A 221 -16.13 -15.12 -3.63
N GLY A 222 -14.83 -15.13 -3.37
CA GLY A 222 -13.81 -15.23 -4.41
C GLY A 222 -13.37 -13.85 -4.85
N PHE A 223 -12.07 -13.60 -4.73
CA PHE A 223 -11.45 -12.33 -5.13
C PHE A 223 -10.17 -12.59 -5.90
N ASP A 224 -9.66 -11.56 -6.56
CA ASP A 224 -8.41 -11.67 -7.30
C ASP A 224 -7.20 -11.60 -6.37
N GLY A 225 -7.40 -11.02 -5.19
CA GLY A 225 -6.34 -10.90 -4.20
C GLY A 225 -6.97 -10.65 -2.86
N TYR A 226 -6.18 -10.80 -1.81
CA TYR A 226 -6.69 -10.74 -0.45
C TYR A 226 -5.81 -9.84 0.39
N ALA A 227 -6.41 -8.80 0.93
CA ALA A 227 -5.70 -7.92 1.84
C ALA A 227 -5.90 -8.36 3.28
N VAL A 228 -4.88 -8.16 4.08
CA VAL A 228 -5.00 -8.25 5.53
C VAL A 228 -5.27 -6.82 6.00
N GLY A 229 -6.52 -6.56 6.36
CA GLY A 229 -6.92 -5.28 6.88
C GLY A 229 -6.87 -5.29 8.39
N GLY A 230 -7.16 -4.14 8.99
CA GLY A 230 -7.30 -4.05 10.43
C GLY A 230 -6.00 -4.11 11.22
N LEU A 231 -4.87 -3.98 10.53
CA LEU A 231 -3.58 -3.93 11.21
C LEU A 231 -2.93 -2.58 10.93
N ALA A 232 -1.74 -2.35 11.49
CA ALA A 232 -1.13 -1.02 11.47
C ALA A 232 -2.12 0.02 11.98
N VAL A 233 -2.73 -0.30 13.12
CA VAL A 233 -3.72 0.56 13.75
C VAL A 233 -3.37 0.81 15.21
N GLY A 234 -2.10 0.63 15.55
CA GLY A 234 -1.61 0.94 16.89
C GLY A 234 -1.19 -0.27 17.69
N GLU A 235 -1.26 -1.44 17.08
CA GLU A 235 -1.00 -2.68 17.81
C GLU A 235 0.49 -2.95 18.04
N GLY A 236 1.33 -2.33 17.23
CA GLY A 236 2.77 -2.54 17.38
C GLY A 236 3.24 -3.78 16.64
N GLN A 237 4.55 -3.85 16.38
CA GLN A 237 5.07 -4.88 15.48
C GLN A 237 4.92 -6.31 15.98
N ASP A 238 5.22 -6.54 17.26
CA ASP A 238 5.12 -7.89 17.82
C ASP A 238 3.72 -8.46 17.61
N GLU A 239 2.72 -7.66 17.95
CA GLU A 239 1.34 -8.10 17.82
C GLU A 239 0.95 -8.26 16.36
N MET A 240 1.38 -7.32 15.52
CA MET A 240 1.08 -7.40 14.11
C MET A 240 1.65 -8.70 13.53
N PHE A 241 2.89 -9.00 13.86
CA PHE A 241 3.53 -10.20 13.38
C PHE A 241 2.83 -11.44 13.91
N ARG A 242 2.40 -11.41 15.17
CA ARG A 242 1.67 -12.54 15.75
C ARG A 242 0.39 -12.82 14.97
N VAL A 243 -0.33 -11.75 14.63
CA VAL A 243 -1.57 -11.90 13.88
C VAL A 243 -1.28 -12.37 12.46
N LEU A 244 -0.24 -11.84 11.82
CA LEU A 244 0.14 -12.31 10.49
C LEU A 244 0.50 -13.80 10.49
N ASP A 245 1.17 -14.24 11.55
CA ASP A 245 1.60 -15.63 11.66
C ASP A 245 0.46 -16.60 11.37
N PHE A 246 -0.70 -16.35 11.97
CA PHE A 246 -1.85 -17.22 11.71
C PHE A 246 -2.78 -16.75 10.60
N SER A 247 -2.77 -15.45 10.31
CA SER A 247 -3.76 -14.92 9.37
C SER A 247 -3.43 -15.14 7.91
N VAL A 248 -2.17 -14.94 7.53
CA VAL A 248 -1.80 -15.08 6.13
C VAL A 248 -2.03 -16.49 5.58
N PRO A 249 -1.67 -17.55 6.35
CA PRO A 249 -1.92 -18.90 5.82
C PRO A 249 -3.40 -19.21 5.58
N MET A 250 -4.29 -18.42 6.15
CA MET A 250 -5.72 -18.64 5.95
C MET A 250 -6.19 -18.18 4.57
N LEU A 251 -5.39 -17.33 3.93
CA LEU A 251 -5.77 -16.77 2.65
C LEU A 251 -5.38 -17.74 1.54
N PRO A 252 -6.09 -17.70 0.40
CA PRO A 252 -5.68 -18.53 -0.73
C PRO A 252 -4.23 -18.31 -1.10
N ASP A 253 -3.49 -19.40 -1.22
CA ASP A 253 -2.08 -19.34 -1.49
C ASP A 253 -1.78 -18.76 -2.86
N ASP A 254 -2.67 -19.02 -3.82
CA ASP A 254 -2.39 -18.70 -5.22
C ASP A 254 -2.80 -17.29 -5.63
N LYS A 255 -3.16 -16.45 -4.66
CA LYS A 255 -3.51 -15.06 -4.95
C LYS A 255 -2.63 -14.13 -4.12
N PRO A 256 -2.47 -12.87 -4.57
CA PRO A 256 -1.62 -11.95 -3.80
C PRO A 256 -2.18 -11.67 -2.41
N HIS A 257 -1.28 -11.41 -1.48
CA HIS A 257 -1.60 -11.07 -0.11
C HIS A 257 -1.09 -9.65 0.14
N TYR A 258 -1.99 -8.75 0.49
CA TYR A 258 -1.70 -7.32 0.57
C TYR A 258 -1.88 -6.84 2.00
N LEU A 259 -0.80 -6.37 2.62
CA LEU A 259 -0.89 -5.84 3.98
C LEU A 259 -1.04 -4.33 3.93
N MET A 260 -2.23 -3.87 4.29
CA MET A 260 -2.57 -2.46 4.10
C MET A 260 -1.91 -1.54 5.12
N GLY A 261 -1.25 -0.51 4.61
CA GLY A 261 -0.71 0.55 5.46
C GLY A 261 0.63 0.27 6.10
N VAL A 262 1.29 -0.82 5.68
CA VAL A 262 2.56 -1.23 6.26
C VAL A 262 3.67 -1.03 5.22
N GLY A 263 4.81 -0.46 5.59
CA GLY A 263 5.13 0.02 6.92
C GLY A 263 6.60 0.42 6.92
N LYS A 264 7.22 0.38 8.10
CA LYS A 264 8.66 0.62 8.21
C LYS A 264 9.41 -0.50 7.49
N PRO A 265 10.66 -0.25 7.09
CA PRO A 265 11.42 -1.28 6.38
C PRO A 265 11.44 -2.63 7.12
N ASP A 266 11.62 -2.64 8.43
CA ASP A 266 11.65 -3.89 9.16
CA ASP A 266 11.64 -3.90 9.17
C ASP A 266 10.26 -4.55 9.22
N ASP A 267 9.21 -3.74 9.21
CA ASP A 267 7.85 -4.28 9.15
C ASP A 267 7.66 -5.05 7.85
N ILE A 268 8.13 -4.45 6.77
CA ILE A 268 8.01 -5.04 5.44
C ILE A 268 8.76 -6.38 5.36
N VAL A 269 10.01 -6.38 5.82
CA VAL A 269 10.80 -7.61 5.79
C VAL A 269 10.11 -8.73 6.58
N GLY A 270 9.65 -8.42 7.79
CA GLY A 270 8.99 -9.43 8.59
C GLY A 270 7.67 -9.90 8.00
N ALA A 271 6.95 -8.98 7.37
CA ALA A 271 5.68 -9.34 6.75
C ALA A 271 5.89 -10.24 5.53
N VAL A 272 6.94 -9.97 4.77
CA VAL A 272 7.28 -10.86 3.65
C VAL A 272 7.64 -12.25 4.16
N GLU A 273 8.37 -12.32 5.26
CA GLU A 273 8.68 -13.59 5.90
C GLU A 273 7.42 -14.35 6.29
N ARG A 274 6.30 -13.63 6.39
CA ARG A 274 5.04 -14.21 6.81
C ARG A 274 4.04 -14.36 5.65
N GLY A 275 4.51 -14.13 4.42
CA GLY A 275 3.71 -14.42 3.24
C GLY A 275 3.01 -13.25 2.57
N ILE A 276 3.39 -12.02 2.94
CA ILE A 276 2.81 -10.84 2.31
C ILE A 276 3.53 -10.50 0.99
N ASP A 277 2.74 -10.13 -0.02
CA ASP A 277 3.22 -9.83 -1.37
C ASP A 277 3.13 -8.35 -1.76
N MET A 278 2.33 -7.56 -1.04
CA MET A 278 2.10 -6.17 -1.42
C MET A 278 1.97 -5.30 -0.20
N PHE A 279 2.44 -4.06 -0.33
CA PHE A 279 2.50 -3.08 0.75
C PHE A 279 2.21 -1.69 0.21
N ASP A 280 1.63 -0.85 1.06
CA ASP A 280 1.62 0.59 0.82
C ASP A 280 1.85 1.26 2.15
N CYS A 281 2.46 2.45 2.13
CA CYS A 281 2.65 3.21 3.34
CA CYS A 281 2.49 3.27 3.32
C CYS A 281 2.99 4.66 3.02
N VAL A 282 2.47 5.61 3.79
CA VAL A 282 2.83 7.00 3.59
C VAL A 282 4.16 7.34 4.25
N LEU A 283 4.73 6.41 5.01
CA LEU A 283 5.97 6.70 5.73
C LEU A 283 7.11 7.29 4.88
N PRO A 284 7.50 6.64 3.77
CA PRO A 284 8.63 7.21 3.02
C PRO A 284 8.39 8.61 2.49
N THR A 285 7.17 8.89 2.03
CA THR A 285 6.83 10.22 1.52
C THR A 285 6.65 11.23 2.67
N ARG A 286 5.72 10.94 3.58
CA ARG A 286 5.44 11.87 4.67
C ARG A 286 6.65 12.13 5.56
N SER A 287 7.33 11.07 5.97
CA SER A 287 8.45 11.29 6.88
C SER A 287 9.65 11.89 6.12
N GLY A 288 9.76 11.62 4.82
CA GLY A 288 10.74 12.28 3.99
C GLY A 288 10.59 13.80 4.04
N ARG A 289 9.37 14.28 3.83
CA ARG A 289 9.10 15.71 3.89
C ARG A 289 9.44 16.28 5.27
N ASN A 290 9.31 15.45 6.30
CA ASN A 290 9.61 15.88 7.66
CA ASN A 290 9.61 15.87 7.67
C ASN A 290 11.09 15.73 8.04
N GLY A 291 11.91 15.29 7.10
CA GLY A 291 13.33 15.21 7.33
C GLY A 291 13.90 13.85 7.66
N GLN A 292 13.07 12.81 7.67
CA GLN A 292 13.59 11.48 7.96
C GLN A 292 14.00 10.76 6.68
N ALA A 293 15.26 10.36 6.60
CA ALA A 293 15.80 9.62 5.46
C ALA A 293 16.09 8.20 5.89
N PHE A 294 15.66 7.23 5.09
CA PHE A 294 15.96 5.84 5.35
C PHE A 294 17.33 5.48 4.80
N THR A 295 18.11 4.74 5.59
CA THR A 295 19.42 4.27 5.13
C THR A 295 19.55 2.82 5.57
N TRP A 296 20.52 2.11 5.00
CA TRP A 296 20.74 0.72 5.37
C TRP A 296 21.23 0.59 6.81
N ASP A 297 21.70 1.69 7.37
CA ASP A 297 22.12 1.72 8.77
C ASP A 297 21.04 2.35 9.66
N GLY A 298 19.80 2.36 9.18
CA GLY A 298 18.69 2.89 9.95
C GLY A 298 18.32 4.29 9.53
N PRO A 299 17.17 4.78 10.02
CA PRO A 299 16.74 6.13 9.65
C PRO A 299 17.62 7.21 10.26
N ILE A 300 17.78 8.32 9.55
CA ILE A 300 18.43 9.50 10.10
C ILE A 300 17.49 10.69 9.98
N ASN A 301 17.60 11.66 10.87
CA ASN A 301 16.89 12.91 10.66
C ASN A 301 17.83 13.97 10.16
N ILE A 302 17.63 14.32 8.89
CA ILE A 302 18.55 15.20 8.19
C ILE A 302 18.59 16.60 8.77
N ARG A 303 17.59 16.96 9.55
CA ARG A 303 17.57 18.29 10.18
CA ARG A 303 17.55 18.27 10.21
C ARG A 303 18.63 18.40 11.27
N ASN A 304 19.10 17.26 11.78
CA ASN A 304 20.06 17.29 12.88
C ASN A 304 21.32 18.05 12.50
N ALA A 305 21.79 18.88 13.43
CA ALA A 305 22.96 19.72 13.21
C ALA A 305 24.19 18.93 12.77
N ARG A 306 24.25 17.65 13.14
CA ARG A 306 25.43 16.84 12.79
C ARG A 306 25.58 16.66 11.29
N PHE A 307 24.54 16.97 10.52
CA PHE A 307 24.60 16.81 9.07
C PHE A 307 24.92 18.10 8.33
N SER A 308 25.10 19.20 9.07
CA SER A 308 25.24 20.50 8.43
C SER A 308 26.43 20.62 7.49
N GLU A 309 27.47 19.84 7.74
CA GLU A 309 28.66 19.88 6.89
C GLU A 309 29.06 18.48 6.42
N ASP A 310 28.09 17.57 6.36
CA ASP A 310 28.33 16.20 5.97
C ASP A 310 28.20 16.09 4.46
N LEU A 311 29.31 15.84 3.79
CA LEU A 311 29.32 15.80 2.33
C LEU A 311 28.87 14.46 1.75
N LYS A 312 28.64 13.48 2.61
CA LYS A 312 28.21 12.17 2.14
C LYS A 312 26.78 12.23 1.62
N PRO A 313 26.41 11.31 0.72
CA PRO A 313 25.00 11.21 0.33
C PRO A 313 24.14 10.69 1.49
N LEU A 314 22.83 10.79 1.36
CA LEU A 314 21.92 10.29 2.38
C LEU A 314 22.27 8.87 2.80
N ASP A 315 22.47 8.00 1.82
CA ASP A 315 22.90 6.64 2.11
C ASP A 315 24.09 6.28 1.23
N SER A 316 25.04 5.55 1.82
CA SER A 316 26.32 5.24 1.19
C SER A 316 26.25 4.29 -0.01
N GLU A 317 25.19 3.51 -0.10
CA GLU A 317 25.07 2.49 -1.15
C GLU A 317 23.95 2.78 -2.13
N CYS A 318 22.99 3.61 -1.70
CA CYS A 318 21.79 3.87 -2.47
C CYS A 318 22.11 4.33 -3.88
N HIS A 319 21.40 3.76 -4.85
CA HIS A 319 21.65 4.08 -6.26
C HIS A 319 20.79 5.21 -6.81
N CYS A 320 20.02 5.86 -5.95
CA CYS A 320 19.09 6.87 -6.45
C CYS A 320 19.79 8.12 -6.95
N ALA A 321 19.08 8.90 -7.75
CA ALA A 321 19.63 10.11 -8.34
C ALA A 321 20.03 11.14 -7.28
N VAL A 322 19.30 11.13 -6.17
CA VAL A 322 19.61 12.08 -5.09
C VAL A 322 20.96 11.77 -4.47
N CYS A 323 21.20 10.49 -4.22
CA CYS A 323 22.46 10.09 -3.61
C CYS A 323 23.63 10.16 -4.57
N GLN A 324 23.35 10.18 -5.87
CA GLN A 324 24.42 10.35 -6.84
C GLN A 324 24.89 11.80 -6.91
N LYS A 325 24.04 12.74 -6.53
CA LYS A 325 24.33 14.14 -6.83
CA LYS A 325 24.28 14.15 -6.84
C LYS A 325 24.46 15.08 -5.63
N TRP A 326 23.61 14.92 -4.62
CA TRP A 326 23.60 15.89 -3.52
C TRP A 326 24.06 15.34 -2.18
N SER A 327 24.61 16.22 -1.36
CA SER A 327 25.08 15.86 -0.04
C SER A 327 24.01 15.98 1.03
N ARG A 328 24.25 15.27 2.13
CA ARG A 328 23.47 15.46 3.34
C ARG A 328 23.44 16.93 3.73
N ALA A 329 24.60 17.61 3.62
CA ALA A 329 24.68 19.00 4.04
C ALA A 329 23.71 19.88 3.25
N TYR A 330 23.62 19.64 1.95
CA TYR A 330 22.72 20.44 1.13
C TYR A 330 21.26 20.15 1.49
N ILE A 331 20.93 18.88 1.63
CA ILE A 331 19.55 18.51 1.93
C ILE A 331 19.14 18.98 3.32
N HIS A 332 20.08 18.93 4.26
CA HIS A 332 19.92 19.49 5.60
C HIS A 332 19.52 20.96 5.51
N HIS A 333 20.28 21.71 4.73
CA HIS A 333 19.97 23.12 4.50
C HIS A 333 18.56 23.30 3.92
N LEU A 334 18.23 22.54 2.87
CA LEU A 334 16.93 22.68 2.24
C LEU A 334 15.78 22.41 3.20
N ILE A 335 15.88 21.31 3.96
CA ILE A 335 14.80 20.97 4.89
C ILE A 335 14.69 22.01 6.01
N ARG A 336 15.82 22.44 6.54
CA ARG A 336 15.82 23.49 7.55
C ARG A 336 15.19 24.77 7.05
N ALA A 337 15.42 25.08 5.78
CA ALA A 337 14.92 26.32 5.19
C ALA A 337 13.46 26.21 4.72
N GLY A 338 12.90 25.00 4.79
CA GLY A 338 11.54 24.78 4.32
C GLY A 338 11.43 24.83 2.80
N GLU A 339 12.53 24.52 2.11
CA GLU A 339 12.53 24.58 0.66
C GLU A 339 11.87 23.38 0.03
N ILE A 340 11.08 23.64 -1.01
CA ILE A 340 10.37 22.58 -1.71
C ILE A 340 11.33 21.53 -2.25
N LEU A 341 12.50 21.94 -2.75
CA LEU A 341 13.44 20.97 -3.26
C LEU A 341 13.88 19.98 -2.17
N GLY A 342 13.90 20.41 -0.92
CA GLY A 342 14.17 19.47 0.15
C GLY A 342 13.17 18.34 0.23
N ALA A 343 11.88 18.67 0.17
CA ALA A 343 10.83 17.66 0.14
C ALA A 343 11.00 16.76 -1.07
N MET A 344 11.31 17.34 -2.22
CA MET A 344 11.46 16.58 -3.46
C MET A 344 12.59 15.56 -3.33
N LEU A 345 13.74 16.02 -2.85
CA LEU A 345 14.91 15.14 -2.79
C LEU A 345 14.76 14.05 -1.73
N MET A 346 14.27 14.43 -0.55
CA MET A 346 14.05 13.45 0.51
C MET A 346 13.05 12.39 0.06
N THR A 347 11.99 12.81 -0.62
CA THR A 347 10.95 11.88 -1.04
C THR A 347 11.44 10.92 -2.10
N GLU A 348 12.16 11.45 -3.09
CA GLU A 348 12.71 10.60 -4.14
C GLU A 348 13.66 9.58 -3.55
N HIS A 349 14.56 10.02 -2.67
CA HIS A 349 15.45 9.07 -2.02
C HIS A 349 14.69 8.00 -1.22
N ASN A 350 13.73 8.41 -0.40
CA ASN A 350 13.05 7.43 0.44
C ASN A 350 12.26 6.42 -0.38
N ILE A 351 11.56 6.88 -1.41
CA ILE A 351 10.83 5.96 -2.27
C ILE A 351 11.80 5.04 -3.02
N ALA A 352 12.94 5.58 -3.47
CA ALA A 352 13.95 4.75 -4.12
C ALA A 352 14.51 3.72 -3.15
N PHE A 353 14.75 4.13 -1.91
CA PHE A 353 15.23 3.20 -0.89
C PHE A 353 14.23 2.06 -0.70
N TYR A 354 12.96 2.40 -0.55
CA TYR A 354 11.93 1.39 -0.41
C TYR A 354 11.92 0.42 -1.60
N GLN A 355 12.06 0.96 -2.80
CA GLN A 355 12.06 0.08 -3.97
C GLN A 355 13.31 -0.80 -4.02
N GLN A 356 14.45 -0.26 -3.61
CA GLN A 356 15.67 -1.06 -3.53
C GLN A 356 15.52 -2.16 -2.48
N LEU A 357 14.85 -1.85 -1.38
CA LEU A 357 14.53 -2.87 -0.39
C LEU A 357 13.71 -3.99 -1.03
N MET A 358 12.66 -3.60 -1.76
CA MET A 358 11.81 -4.61 -2.37
C MET A 358 12.60 -5.44 -3.39
N GLN A 359 13.50 -4.80 -4.13
CA GLN A 359 14.30 -5.51 -5.10
C GLN A 359 15.22 -6.53 -4.41
N LYS A 360 15.83 -6.13 -3.31
CA LYS A 360 16.69 -7.03 -2.55
C LYS A 360 15.89 -8.20 -2.00
N ILE A 361 14.67 -7.91 -1.56
CA ILE A 361 13.78 -8.97 -1.08
C ILE A 361 13.46 -9.95 -2.21
N ARG A 362 13.04 -9.42 -3.35
CA ARG A 362 12.70 -10.26 -4.50
C ARG A 362 13.89 -11.12 -4.94
N ASP A 363 15.06 -10.49 -5.08
CA ASP A 363 16.25 -11.21 -5.52
C ASP A 363 16.63 -12.27 -4.50
N SER A 364 16.58 -11.96 -3.22
CA SER A 364 17.00 -12.92 -2.23
C SER A 364 16.06 -14.12 -2.15
N ILE A 365 14.75 -13.88 -2.28
CA ILE A 365 13.81 -15.01 -2.35
C ILE A 365 14.09 -15.86 -3.58
N SER A 366 14.27 -15.21 -4.73
CA SER A 366 14.55 -15.91 -5.98
CA SER A 366 14.52 -15.96 -5.96
C SER A 366 15.79 -16.78 -5.86
N GLU A 367 16.73 -16.37 -5.04
CA GLU A 367 18.00 -17.06 -4.88
C GLU A 367 18.04 -17.97 -3.65
N GLY A 368 16.92 -18.05 -2.94
CA GLY A 368 16.83 -18.91 -1.77
C GLY A 368 17.72 -18.47 -0.61
N ARG A 369 17.95 -17.17 -0.50
CA ARG A 369 18.77 -16.61 0.59
C ARG A 369 18.06 -15.45 1.27
N PHE A 370 16.73 -15.47 1.28
CA PHE A 370 15.97 -14.40 1.92
C PHE A 370 16.11 -14.42 3.44
N SER A 371 16.12 -15.60 4.03
CA SER A 371 16.28 -15.71 5.48
C SER A 371 17.58 -15.01 5.91
N GLN A 372 18.64 -15.26 5.17
CA GLN A 372 19.92 -14.64 5.46
C GLN A 372 19.86 -13.14 5.21
N PHE A 373 19.20 -12.74 4.13
CA PHE A 373 19.03 -11.31 3.89
C PHE A 373 18.31 -10.62 5.04
N ALA A 374 17.22 -11.23 5.51
CA ALA A 374 16.44 -10.65 6.60
C ALA A 374 17.32 -10.47 7.83
N GLN A 375 18.10 -11.49 8.16
CA GLN A 375 18.99 -11.43 9.30
C GLN A 375 20.05 -10.34 9.15
N ASP A 376 20.68 -10.29 7.98
CA ASP A 376 21.72 -9.31 7.73
C ASP A 376 21.15 -7.90 7.70
N PHE A 377 19.98 -7.76 7.10
CA PHE A 377 19.31 -6.47 7.05
C PHE A 377 19.07 -5.94 8.45
N ARG A 378 18.49 -6.77 9.31
CA ARG A 378 18.17 -6.35 10.67
CA ARG A 378 18.18 -6.35 10.67
C ARG A 378 19.41 -6.02 11.49
N ALA A 379 20.45 -6.84 11.36
CA ALA A 379 21.68 -6.64 12.12
C ALA A 379 22.26 -5.27 11.83
N ARG A 380 22.25 -4.86 10.56
CA ARG A 380 22.83 -3.60 10.17
C ARG A 380 21.90 -2.41 10.41
N TYR A 381 20.62 -2.59 10.11
CA TYR A 381 19.64 -1.52 10.22
C TYR A 381 19.48 -1.10 11.69
N PHE A 382 19.60 -2.06 12.60
CA PHE A 382 19.44 -1.81 14.02
C PHE A 382 20.75 -1.78 14.80
N ALA A 383 21.87 -1.72 14.10
CA ALA A 383 23.18 -1.69 14.75
C ALA A 383 23.35 -0.48 15.66
ZN ZN B . 19.31 7.68 -2.34
C1 GOL C . 22.39 -3.58 2.35
O1 GOL C . 23.49 -3.46 1.49
C2 GOL C . 22.18 -5.05 2.71
O2 GOL C . 21.61 -5.72 1.61
C3 GOL C . 21.24 -5.16 3.91
O3 GOL C . 21.88 -4.68 5.06
C1 GOL D . 23.79 22.77 -15.38
O1 GOL D . 24.68 22.52 -16.45
C2 GOL D . 23.74 21.53 -14.51
O2 GOL D . 24.60 21.68 -13.39
C3 GOL D . 22.31 21.30 -14.05
O3 GOL D . 22.25 20.16 -13.22
C1 GOL E . 26.89 12.96 -3.64
O1 GOL E . 27.16 11.60 -3.89
C2 GOL E . 27.95 13.51 -2.70
O2 GOL E . 29.21 13.01 -3.10
C3 GOL E . 27.98 15.04 -2.79
O3 GOL E . 28.89 15.58 -1.85
C2 6OK F . -6.11 -0.73 7.49
C4 6OK F . -4.88 1.11 6.48
C5 6OK F . -5.79 1.18 5.44
C6 6OK F . -6.87 0.30 5.43
C1 6OK F . -7.02 -0.63 6.45
C3 6OK F . -5.03 0.16 7.52
C7 6OK F . -8.20 -1.53 6.41
N8 6OK F . -7.78 0.35 4.43
C9 6OK F . -8.87 -0.46 4.42
N10 6OK F . -9.76 -0.34 3.42
N11 6OK F . -9.07 -1.38 5.39
N12 6OK F . -4.01 0.30 8.39
N13 6OK F . -3.77 1.84 6.77
C14 6OK F . -3.30 1.31 7.91
N15 6OK F . -2.18 1.75 8.54
C16 6OK F . -1.60 3.07 8.24
O18 6OK F . -8.42 -2.40 7.28
C17 6OK F . -0.83 3.62 9.45
C19 6OK F . 2.12 6.74 8.75
C20 6OK F . 3.19 7.79 8.46
C21 6OK F . 3.74 8.59 9.64
O22 6OK F . 4.82 9.46 9.21
C23 6OK F . 0.84 7.07 9.21
C24 6OK F . -0.10 6.06 9.43
C25 6OK F . 0.20 4.72 9.18
C26 6OK F . 1.47 4.41 8.72
C27 6OK F . 2.41 5.40 8.49
CL CL G . 2.43 11.18 1.93
#